data_9J57
#
_entry.id   9J57
#
_cell.length_a   108.048
_cell.length_b   108.048
_cell.length_c   44.672
_cell.angle_alpha   90.000
_cell.angle_beta   90.000
_cell.angle_gamma   120.000
#
_symmetry.space_group_name_H-M   'P 63'
#
loop_
_entity.id
_entity.type
_entity.pdbx_description
1 polymer 'Alpha/beta hydrolase fold-3 domain-containing protein'
2 non-polymer 1,2-ETHANEDIOL
3 non-polymer '(4-nitrophenyl) butanoate'
4 water water
#
_entity_poly.entity_id   1
_entity_poly.type   'polypeptide(L)'
_entity_poly.pdbx_seq_one_letter_code
;HHHHHHMPLDPRVEQFLAQMPPLNREGLSLAEARQQFKQGALLLDQMVPPPPVDTEDGTVVTTHGPVRIRRYIPDRLRFS
HPLVFYHGGGFVFGDIDTHHGLVARLCQTVGATVISVDYSLAPEAKFPVPVAECIDVARWAAHEAPGWGLKPSIVVAGDS
AGGNLAAVVSQRAKDESLPIAAQLLFYPALDMVHETPSKRDFARGYLLEADAMQWFGEQYLRTPDDVSHPWASPALSPDL
TGLPPALVITAEYDPLRDEGEAYAEALRAAGVPTEQIRFDGMIHGFMTMPIFPQMEAAIEAVARFLERID
;
_entity_poly.pdbx_strand_id   A
#
# COMPACT_ATOMS: atom_id res chain seq x y z
N MET A 7 8.42 -23.44 -2.47
CA MET A 7 9.78 -23.04 -1.96
C MET A 7 9.74 -22.80 -0.45
N PRO A 8 10.72 -23.28 0.37
CA PRO A 8 10.60 -23.20 1.84
C PRO A 8 10.41 -21.79 2.39
N LEU A 9 9.78 -21.68 3.55
CA LEU A 9 9.66 -20.41 4.26
C LEU A 9 11.07 -19.84 4.48
N ASP A 10 11.22 -18.54 4.31
CA ASP A 10 12.46 -17.89 4.69
C ASP A 10 12.76 -18.26 6.14
N PRO A 11 14.03 -18.59 6.50
CA PRO A 11 14.37 -18.92 7.89
C PRO A 11 13.92 -17.91 8.95
N ARG A 12 14.19 -16.62 8.74
CA ARG A 12 13.83 -15.60 9.73
CA ARG A 12 13.84 -15.61 9.74
C ARG A 12 12.32 -15.46 9.86
N VAL A 13 11.60 -15.60 8.73
CA VAL A 13 10.14 -15.57 8.73
C VAL A 13 9.61 -16.73 9.58
N GLU A 14 10.20 -17.90 9.41
CA GLU A 14 9.75 -19.07 10.14
C GLU A 14 9.91 -18.85 11.65
N GLN A 15 11.04 -18.24 12.05
CA GLN A 15 11.30 -17.97 13.47
C GLN A 15 10.27 -16.98 14.00
N PHE A 16 10.04 -15.89 13.25
CA PHE A 16 9.06 -14.88 13.60
C PHE A 16 7.69 -15.53 13.82
N LEU A 17 7.24 -16.35 12.88
CA LEU A 17 5.94 -16.98 13.01
C LEU A 17 5.91 -17.88 14.25
N ALA A 18 7.05 -18.51 14.57
CA ALA A 18 7.12 -19.44 15.68
C ALA A 18 7.02 -18.75 17.04
N GLN A 19 7.42 -17.49 17.14
CA GLN A 19 7.43 -16.79 18.43
C GLN A 19 6.20 -15.90 18.57
N MET A 20 5.23 -16.03 17.67
CA MET A 20 4.03 -15.20 17.71
C MET A 20 3.03 -15.75 18.72
N PRO A 21 2.54 -14.96 19.70
CA PRO A 21 1.39 -15.36 20.51
C PRO A 21 0.14 -15.53 19.63
N LEU A 28 -10.67 -7.79 23.26
CA LEU A 28 -9.94 -6.56 22.85
C LEU A 28 -10.92 -5.55 22.28
N SER A 29 -10.89 -4.33 22.83
CA SER A 29 -11.61 -3.20 22.26
C SER A 29 -10.92 -2.78 20.97
N LEU A 30 -11.67 -2.06 20.13
CA LEU A 30 -11.10 -1.51 18.92
C LEU A 30 -9.86 -0.68 19.25
N ALA A 31 -9.99 0.15 20.30
CA ALA A 31 -8.92 1.04 20.70
C ALA A 31 -7.71 0.22 21.15
N GLU A 32 -7.96 -0.86 21.89
CA GLU A 32 -6.87 -1.69 22.40
C GLU A 32 -6.17 -2.37 21.23
N ALA A 33 -6.92 -2.88 20.25
CA ALA A 33 -6.33 -3.57 19.10
C ALA A 33 -5.53 -2.62 18.21
N ARG A 34 -5.98 -1.36 18.11
CA ARG A 34 -5.25 -0.34 17.39
C ARG A 34 -3.92 -0.05 18.09
N GLN A 35 -3.98 0.05 19.43
CA GLN A 35 -2.80 0.36 20.22
C GLN A 35 -1.81 -0.80 20.11
N GLN A 36 -2.34 -2.03 20.09
CA GLN A 36 -1.55 -3.24 19.99
C GLN A 36 -0.85 -3.28 18.64
N PHE A 37 -1.56 -2.91 17.57
CA PHE A 37 -0.99 -2.91 16.24
C PHE A 37 0.16 -1.89 16.18
N LYS A 38 -0.08 -0.72 16.77
CA LYS A 38 0.93 0.33 16.85
C LYS A 38 2.12 -0.08 17.74
N GLN A 39 1.87 -0.77 18.86
CA GLN A 39 2.98 -1.24 19.69
C GLN A 39 3.82 -2.26 18.91
N GLY A 40 3.17 -3.10 18.09
CA GLY A 40 3.89 -4.07 17.27
C GLY A 40 4.85 -3.44 16.27
N ALA A 41 4.40 -2.36 15.63
CA ALA A 41 5.20 -1.61 14.67
C ALA A 41 6.35 -0.88 15.37
N LEU A 42 6.10 -0.32 16.56
CA LEU A 42 7.16 0.40 17.27
C LEU A 42 8.28 -0.57 17.65
N LEU A 43 7.87 -1.77 18.09
CA LEU A 43 8.77 -2.84 18.48
C LEU A 43 9.72 -3.16 17.32
N LEU A 44 9.17 -3.40 16.13
CA LEU A 44 9.98 -3.70 14.96
C LEU A 44 10.95 -2.55 14.65
N ASP A 45 10.49 -1.31 14.82
CA ASP A 45 11.32 -0.14 14.55
C ASP A 45 12.47 -0.03 15.56
N GLN A 46 12.23 -0.43 16.82
CA GLN A 46 13.28 -0.47 17.83
C GLN A 46 14.31 -1.54 17.48
N MET A 47 13.87 -2.63 16.86
CA MET A 47 14.78 -3.72 16.53
C MET A 47 15.68 -3.28 15.37
N VAL A 48 15.11 -2.56 14.39
CA VAL A 48 15.85 -2.13 13.23
C VAL A 48 15.49 -0.68 12.93
N PRO A 49 16.15 0.28 13.62
CA PRO A 49 15.81 1.71 13.50
C PRO A 49 15.75 2.20 12.06
N PRO A 50 14.82 3.13 11.76
CA PRO A 50 14.71 3.66 10.41
C PRO A 50 15.85 4.64 10.17
N PRO A 51 16.15 4.99 8.91
CA PRO A 51 17.13 6.03 8.61
C PRO A 51 16.58 7.39 9.04
N PRO A 52 17.44 8.32 9.53
CA PRO A 52 17.00 9.69 9.75
C PRO A 52 16.50 10.32 8.44
N VAL A 53 15.48 11.18 8.57
CA VAL A 53 14.86 11.81 7.41
C VAL A 53 14.07 13.04 7.87
N ASP A 54 14.24 14.15 7.14
CA ASP A 54 13.47 15.36 7.33
C ASP A 54 12.01 15.13 6.95
N THR A 55 11.10 15.58 7.82
CA THR A 55 9.69 15.47 7.58
C THR A 55 8.99 16.76 8.01
N GLU A 56 7.80 16.97 7.43
CA GLU A 56 6.93 18.09 7.73
C GLU A 56 5.50 17.56 7.79
N ASP A 57 4.83 17.80 8.92
CA ASP A 57 3.44 17.43 9.08
C ASP A 57 2.57 18.50 8.43
N GLY A 58 1.44 18.09 7.88
CA GLY A 58 0.49 19.05 7.33
C GLY A 58 -0.89 18.41 7.26
N THR A 59 -1.84 19.19 6.73
CA THR A 59 -3.22 18.76 6.60
C THR A 59 -3.79 19.17 5.25
N VAL A 60 -4.38 18.21 4.54
CA VAL A 60 -5.01 18.47 3.25
C VAL A 60 -6.52 18.56 3.43
N VAL A 61 -7.12 19.61 2.85
CA VAL A 61 -8.57 19.75 2.80
C VAL A 61 -9.13 18.81 1.73
N THR A 62 -9.91 17.80 2.15
CA THR A 62 -10.56 16.89 1.22
C THR A 62 -12.08 17.08 1.28
N THR A 63 -12.77 16.36 0.37
CA THR A 63 -14.20 16.38 0.26
C THR A 63 -14.87 15.70 1.46
N HIS A 64 -14.08 15.03 2.31
CA HIS A 64 -14.61 14.35 3.49
C HIS A 64 -13.97 14.88 4.77
N GLY A 65 -13.26 15.99 4.64
CA GLY A 65 -12.72 16.67 5.79
C GLY A 65 -11.19 16.75 5.71
N PRO A 66 -10.56 17.26 6.78
CA PRO A 66 -9.12 17.40 6.83
C PRO A 66 -8.51 16.02 6.92
N VAL A 67 -7.41 15.86 6.20
CA VAL A 67 -6.67 14.61 6.24
C VAL A 67 -5.21 14.93 6.53
N ARG A 68 -4.72 14.41 7.66
CA ARG A 68 -3.34 14.63 8.07
C ARG A 68 -2.40 13.92 7.10
N ILE A 69 -1.30 14.61 6.78
CA ILE A 69 -0.25 14.04 5.93
C ILE A 69 1.12 14.32 6.56
N ARG A 70 2.12 13.57 6.10
CA ARG A 70 3.51 13.85 6.45
C ARG A 70 4.33 13.78 5.17
N ARG A 71 5.03 14.87 4.90
CA ARG A 71 5.89 14.95 3.73
C ARG A 71 7.32 14.61 4.16
N TYR A 72 7.92 13.66 3.41
CA TYR A 72 9.27 13.18 3.61
C TYR A 72 10.15 13.79 2.53
N ILE A 73 11.28 14.37 2.96
CA ILE A 73 12.19 15.08 2.07
C ILE A 73 13.51 14.31 2.04
N PRO A 74 13.97 13.81 0.87
CA PRO A 74 15.20 13.00 0.83
C PRO A 74 16.42 13.88 1.09
N ASP A 75 17.50 13.28 1.62
CA ASP A 75 18.77 13.99 1.70
C ASP A 75 19.15 14.52 0.31
N ARG A 76 18.96 13.71 -0.73
CA ARG A 76 19.26 14.13 -2.08
C ARG A 76 18.13 13.72 -3.00
N LEU A 77 17.47 14.73 -3.61
CA LEU A 77 16.34 14.55 -4.50
C LEU A 77 16.86 14.02 -5.83
N ARG A 78 16.45 12.81 -6.22
CA ARG A 78 16.94 12.19 -7.44
C ARG A 78 15.79 11.76 -8.35
N PHE A 79 14.55 11.74 -7.83
CA PHE A 79 13.40 11.29 -8.61
C PHE A 79 12.44 12.46 -8.81
N SER A 80 11.91 12.60 -10.04
CA SER A 80 11.26 13.82 -10.48
C SER A 80 9.74 13.85 -10.24
N HIS A 81 9.14 12.83 -9.60
CA HIS A 81 7.74 12.84 -9.28
C HIS A 81 7.57 12.66 -7.77
N PRO A 82 6.57 13.32 -7.15
CA PRO A 82 6.23 12.99 -5.77
C PRO A 82 5.59 11.62 -5.71
N LEU A 83 5.82 10.93 -4.60
CA LEU A 83 5.13 9.69 -4.28
C LEU A 83 4.07 10.03 -3.26
N VAL A 84 2.89 9.47 -3.44
CA VAL A 84 1.84 9.53 -2.43
C VAL A 84 1.59 8.09 -1.93
N PHE A 85 1.77 7.92 -0.62
CA PHE A 85 1.80 6.61 0.00
C PHE A 85 0.59 6.47 0.93
N TYR A 86 -0.12 5.35 0.77
CA TYR A 86 -1.27 5.02 1.56
C TYR A 86 -0.99 3.76 2.38
N HIS A 87 -0.91 3.89 3.71
CA HIS A 87 -0.57 2.79 4.60
C HIS A 87 -1.64 1.70 4.57
N GLY A 88 -1.21 0.48 4.88
CA GLY A 88 -2.12 -0.65 5.06
C GLY A 88 -2.53 -0.82 6.51
N GLY A 89 -3.22 -1.93 6.78
CA GLY A 89 -3.83 -2.19 8.08
C GLY A 89 -5.33 -2.54 8.03
N GLY A 90 -5.78 -3.10 6.90
CA GLY A 90 -7.12 -3.65 6.73
C GLY A 90 -8.23 -2.59 6.74
N PHE A 91 -7.85 -1.32 6.50
CA PHE A 91 -8.71 -0.14 6.52
C PHE A 91 -9.09 0.27 7.94
N VAL A 92 -8.63 -0.49 8.96
CA VAL A 92 -9.04 -0.30 10.34
C VAL A 92 -7.87 0.18 11.22
N PHE A 93 -6.68 -0.40 10.95
CA PHE A 93 -5.48 -0.15 11.72
C PHE A 93 -4.45 0.64 10.91
N GLY A 94 -3.43 1.13 11.63
CA GLY A 94 -2.28 1.77 11.01
C GLY A 94 -2.39 3.29 10.99
N ASP A 95 -1.25 3.93 10.74
CA ASP A 95 -1.22 5.37 10.58
C ASP A 95 0.13 5.75 9.97
N ILE A 96 0.43 7.06 9.95
CA ILE A 96 1.69 7.54 9.42
C ILE A 96 2.88 6.99 10.22
N ASP A 97 2.69 6.81 11.54
CA ASP A 97 3.75 6.37 12.42
C ASP A 97 4.04 4.88 12.23
N THR A 98 3.00 4.07 12.04
CA THR A 98 3.19 2.62 11.88
C THR A 98 3.99 2.31 10.61
N HIS A 99 3.95 3.21 9.63
CA HIS A 99 4.52 2.99 8.29
C HIS A 99 5.73 3.89 8.05
N HIS A 100 6.17 4.60 9.09
CA HIS A 100 7.34 5.46 9.01
C HIS A 100 8.58 4.70 8.55
N GLY A 101 8.81 3.51 9.11
CA GLY A 101 9.97 2.69 8.76
C GLY A 101 10.08 2.42 7.26
N LEU A 102 8.94 2.11 6.63
CA LEU A 102 8.90 1.88 5.19
C LEU A 102 9.05 3.20 4.45
N VAL A 103 8.26 4.21 4.82
CA VAL A 103 8.27 5.44 4.05
C VAL A 103 9.63 6.16 4.11
N ALA A 104 10.28 6.18 5.28
CA ALA A 104 11.58 6.82 5.44
C ALA A 104 12.60 6.19 4.49
N ARG A 105 12.54 4.87 4.36
CA ARG A 105 13.44 4.13 3.47
C ARG A 105 13.08 4.37 2.01
N LEU A 106 11.78 4.40 1.66
CA LEU A 106 11.40 4.74 0.28
C LEU A 106 11.95 6.11 -0.07
N CYS A 107 11.72 7.08 0.81
CA CYS A 107 12.17 8.43 0.57
C CYS A 107 13.69 8.50 0.35
N GLN A 108 14.48 7.93 1.26
CA GLN A 108 15.92 8.08 1.20
C GLN A 108 16.52 7.19 0.12
N THR A 109 15.96 5.99 -0.11
CA THR A 109 16.57 5.05 -1.04
C THR A 109 16.27 5.46 -2.49
N VAL A 110 15.01 5.82 -2.75
CA VAL A 110 14.62 6.28 -4.08
C VAL A 110 15.16 7.69 -4.33
N GLY A 111 15.29 8.48 -3.25
CA GLY A 111 15.57 9.91 -3.36
C GLY A 111 14.35 10.66 -3.88
N ALA A 112 13.20 10.45 -3.22
CA ALA A 112 11.95 11.05 -3.66
C ALA A 112 11.25 11.74 -2.48
N THR A 113 10.49 12.80 -2.79
CA THR A 113 9.55 13.37 -1.86
CA THR A 113 9.58 13.33 -1.81
C THR A 113 8.39 12.37 -1.75
N VAL A 114 7.99 12.04 -0.53
CA VAL A 114 6.89 11.12 -0.32
C VAL A 114 5.88 11.81 0.60
N ILE A 115 4.60 11.72 0.20
CA ILE A 115 3.47 12.17 1.00
C ILE A 115 2.80 10.93 1.60
N SER A 116 2.98 10.75 2.91
CA SER A 116 2.32 9.68 3.65
C SER A 116 0.98 10.18 4.17
N VAL A 117 -0.08 9.37 3.98
CA VAL A 117 -1.44 9.85 4.15
C VAL A 117 -2.10 9.12 5.31
N ASP A 118 -2.70 9.92 6.21
CA ASP A 118 -3.45 9.41 7.35
C ASP A 118 -4.94 9.49 7.01
N TYR A 119 -5.36 8.64 6.07
CA TYR A 119 -6.75 8.58 5.64
C TYR A 119 -7.64 8.10 6.80
N SER A 120 -8.96 8.37 6.70
CA SER A 120 -9.91 8.05 7.76
C SER A 120 -10.14 6.54 7.84
N LEU A 121 -10.15 6.01 9.07
CA LEU A 121 -10.18 4.57 9.30
C LEU A 121 -11.61 4.11 9.55
N ALA A 122 -11.84 2.83 9.18
CA ALA A 122 -13.07 2.12 9.46
C ALA A 122 -13.01 1.52 10.86
N PRO A 123 -14.14 1.22 11.53
CA PRO A 123 -15.49 1.45 10.99
C PRO A 123 -16.07 2.86 11.10
N GLU A 124 -15.31 3.80 11.71
CA GLU A 124 -15.81 5.15 11.91
C GLU A 124 -16.12 5.83 10.58
N ALA A 125 -15.22 5.68 9.60
CA ALA A 125 -15.52 6.04 8.22
C ALA A 125 -15.68 4.73 7.44
N LYS A 126 -16.63 4.70 6.51
CA LYS A 126 -16.87 3.51 5.72
CA LYS A 126 -16.85 3.50 5.72
C LYS A 126 -16.54 3.80 4.26
N PHE A 127 -16.28 2.70 3.53
CA PHE A 127 -16.22 2.71 2.09
C PHE A 127 -17.37 3.58 1.57
N PRO A 128 -17.14 4.51 0.60
CA PRO A 128 -15.85 4.75 -0.06
C PRO A 128 -15.06 6.00 0.35
N VAL A 129 -15.25 6.42 1.61
CA VAL A 129 -14.68 7.66 2.11
C VAL A 129 -13.16 7.70 1.92
N PRO A 130 -12.41 6.67 2.36
CA PRO A 130 -10.96 6.64 2.20
C PRO A 130 -10.48 6.76 0.75
N VAL A 131 -11.24 6.18 -0.17
CA VAL A 131 -10.95 6.29 -1.60
C VAL A 131 -11.00 7.76 -2.02
N ALA A 132 -12.08 8.44 -1.66
CA ALA A 132 -12.28 9.85 -1.96
C ALA A 132 -11.14 10.69 -1.39
N GLU A 133 -10.86 10.47 -0.10
CA GLU A 133 -9.79 11.18 0.58
C GLU A 133 -8.47 10.96 -0.15
N CYS A 134 -8.19 9.72 -0.52
CA CYS A 134 -6.91 9.40 -1.15
C CYS A 134 -6.78 10.04 -2.54
N ILE A 135 -7.90 10.11 -3.28
CA ILE A 135 -7.94 10.81 -4.55
C ILE A 135 -7.63 12.29 -4.34
N ASP A 136 -8.24 12.88 -3.30
CA ASP A 136 -8.12 14.30 -3.07
C ASP A 136 -6.67 14.64 -2.71
N VAL A 137 -6.02 13.76 -1.92
CA VAL A 137 -4.64 14.02 -1.53
C VAL A 137 -3.73 13.89 -2.75
N ALA A 138 -3.97 12.88 -3.61
CA ALA A 138 -3.22 12.74 -4.84
C ALA A 138 -3.32 14.01 -5.70
N ARG A 139 -4.53 14.59 -5.82
CA ARG A 139 -4.75 15.80 -6.60
C ARG A 139 -4.01 16.99 -5.97
N TRP A 140 -4.08 17.11 -4.65
CA TRP A 140 -3.31 18.14 -3.94
C TRP A 140 -1.83 18.04 -4.31
N ALA A 141 -1.29 16.82 -4.28
CA ALA A 141 0.12 16.59 -4.48
C ALA A 141 0.54 16.94 -5.91
N ALA A 142 -0.32 16.62 -6.87
CA ALA A 142 -0.10 16.96 -8.28
C ALA A 142 -0.01 18.49 -8.45
N HIS A 143 -0.86 19.22 -7.71
CA HIS A 143 -0.93 20.66 -7.79
C HIS A 143 0.31 21.29 -7.18
N GLU A 144 0.78 20.74 -6.05
CA GLU A 144 1.92 21.27 -5.33
C GLU A 144 3.25 20.93 -6.01
N ALA A 145 3.29 19.87 -6.85
CA ALA A 145 4.55 19.29 -7.30
C ALA A 145 5.44 20.34 -7.98
N PRO A 146 4.93 21.20 -8.90
CA PRO A 146 5.78 22.24 -9.50
C PRO A 146 6.48 23.14 -8.48
N GLY A 147 5.81 23.44 -7.36
CA GLY A 147 6.40 24.26 -6.32
C GLY A 147 7.52 23.56 -5.54
N TRP A 148 7.57 22.21 -5.65
CA TRP A 148 8.63 21.38 -5.09
C TRP A 148 9.73 21.11 -6.12
N GLY A 149 9.60 21.71 -7.31
CA GLY A 149 10.54 21.52 -8.40
C GLY A 149 10.40 20.15 -9.07
N LEU A 150 9.17 19.63 -9.10
CA LEU A 150 8.89 18.26 -9.55
C LEU A 150 7.84 18.30 -10.65
N LYS A 151 7.74 17.19 -11.37
CA LYS A 151 6.68 17.03 -12.36
C LYS A 151 5.35 16.84 -11.66
N PRO A 152 4.24 17.34 -12.24
CA PRO A 152 2.90 17.20 -11.65
C PRO A 152 2.33 15.78 -11.62
N SER A 153 2.88 14.86 -12.41
CA SER A 153 2.40 13.49 -12.40
C SER A 153 2.92 12.80 -11.15
N ILE A 154 2.03 12.14 -10.39
CA ILE A 154 2.42 11.53 -9.13
C ILE A 154 2.65 10.02 -9.28
N VAL A 155 3.33 9.43 -8.30
CA VAL A 155 3.38 7.98 -8.14
C VAL A 155 2.59 7.63 -6.90
N VAL A 156 1.58 6.75 -7.05
CA VAL A 156 0.84 6.28 -5.88
C VAL A 156 1.40 4.93 -5.43
N ALA A 157 1.34 4.68 -4.12
CA ALA A 157 1.95 3.51 -3.53
C ALA A 157 1.18 3.11 -2.28
N GLY A 158 1.16 1.80 -1.99
CA GLY A 158 0.65 1.36 -0.71
C GLY A 158 0.83 -0.13 -0.53
N ASP A 159 0.78 -0.55 0.74
CA ASP A 159 0.82 -1.95 1.13
C ASP A 159 -0.58 -2.41 1.53
N SER A 160 -0.96 -3.62 1.07
CA SER A 160 -2.17 -4.28 1.55
C SER A 160 -3.44 -3.46 1.26
N ALA A 161 -4.18 -3.05 2.32
CA ALA A 161 -5.31 -2.15 2.16
C ALA A 161 -4.88 -0.87 1.44
N GLY A 162 -3.66 -0.42 1.73
CA GLY A 162 -3.11 0.77 1.08
C GLY A 162 -2.81 0.55 -0.41
N GLY A 163 -2.42 -0.69 -0.76
CA GLY A 163 -2.26 -1.09 -2.15
C GLY A 163 -3.59 -1.13 -2.90
N ASN A 164 -4.64 -1.57 -2.21
CA ASN A 164 -6.00 -1.45 -2.70
C ASN A 164 -6.29 0.02 -3.08
N LEU A 165 -6.01 0.94 -2.16
CA LEU A 165 -6.31 2.35 -2.40
C LEU A 165 -5.49 2.89 -3.56
N ALA A 166 -4.22 2.50 -3.64
CA ALA A 166 -3.38 2.96 -4.74
C ALA A 166 -3.94 2.47 -6.07
N ALA A 167 -4.37 1.19 -6.10
CA ALA A 167 -4.90 0.60 -7.31
C ALA A 167 -6.17 1.30 -7.78
N VAL A 168 -7.08 1.60 -6.84
CA VAL A 168 -8.35 2.25 -7.14
C VAL A 168 -8.11 3.69 -7.59
N VAL A 169 -7.26 4.41 -6.86
CA VAL A 169 -6.93 5.77 -7.26
C VAL A 169 -6.40 5.77 -8.70
N SER A 170 -5.59 4.76 -9.03
CA SER A 170 -4.99 4.67 -10.35
C SER A 170 -6.09 4.43 -11.41
N GLN A 171 -7.10 3.60 -11.09
CA GLN A 171 -8.19 3.32 -12.01
C GLN A 171 -9.07 4.55 -12.21
N ARG A 172 -9.23 5.39 -11.16
CA ARG A 172 -10.08 6.57 -11.23
C ARG A 172 -9.35 7.78 -11.82
N ALA A 173 -8.05 7.70 -12.04
CA ALA A 173 -7.24 8.90 -12.25
C ALA A 173 -7.65 9.67 -13.49
N LYS A 174 -7.78 8.99 -14.63
CA LYS A 174 -8.15 9.71 -15.85
C LYS A 174 -9.49 10.44 -15.70
N ASP A 175 -10.51 9.72 -15.18
CA ASP A 175 -11.84 10.28 -14.97
C ASP A 175 -11.80 11.45 -13.98
N GLU A 176 -10.85 11.39 -13.03
CA GLU A 176 -10.72 12.46 -12.05
C GLU A 176 -9.71 13.52 -12.47
N SER A 177 -9.19 13.44 -13.72
CA SER A 177 -8.21 14.39 -14.24
C SER A 177 -6.96 14.42 -13.34
N LEU A 178 -6.50 13.24 -12.97
CA LEU A 178 -5.41 13.15 -12.01
C LEU A 178 -4.22 12.56 -12.75
N PRO A 179 -3.11 13.31 -12.90
CA PRO A 179 -1.95 12.75 -13.61
C PRO A 179 -1.15 11.82 -12.70
N ILE A 180 -1.08 10.54 -13.10
CA ILE A 180 -0.41 9.49 -12.35
C ILE A 180 0.60 8.80 -13.27
N ALA A 181 1.88 8.84 -12.86
CA ALA A 181 3.01 8.33 -13.64
C ALA A 181 3.26 6.84 -13.41
N ALA A 182 2.88 6.34 -12.22
CA ALA A 182 3.06 4.92 -11.89
C ALA A 182 2.32 4.59 -10.60
N GLN A 183 2.10 3.27 -10.42
CA GLN A 183 1.44 2.71 -9.24
C GLN A 183 2.32 1.59 -8.68
N LEU A 184 2.54 1.63 -7.35
CA LEU A 184 3.37 0.66 -6.65
C LEU A 184 2.46 -0.06 -5.65
N LEU A 185 2.22 -1.34 -5.91
CA LEU A 185 1.29 -2.15 -5.13
C LEU A 185 2.07 -3.23 -4.37
N PHE A 186 2.09 -3.10 -3.04
CA PHE A 186 2.79 -4.00 -2.18
C PHE A 186 1.76 -4.96 -1.57
N TYR A 187 1.81 -6.23 -2.02
CA TYR A 187 0.86 -7.27 -1.60
C TYR A 187 -0.55 -6.68 -1.39
N PRO A 188 -1.15 -6.07 -2.44
CA PRO A 188 -2.46 -5.41 -2.31
C PRO A 188 -3.61 -6.40 -2.18
N ALA A 189 -4.68 -5.93 -1.52
CA ALA A 189 -6.00 -6.52 -1.61
C ALA A 189 -6.69 -5.93 -2.83
N LEU A 190 -7.18 -6.80 -3.73
CA LEU A 190 -7.74 -6.30 -4.98
C LEU A 190 -9.09 -6.92 -5.34
N ASP A 191 -9.42 -8.09 -4.79
CA ASP A 191 -10.65 -8.78 -5.15
C ASP A 191 -11.31 -9.33 -3.90
N MET A 192 -12.40 -8.69 -3.49
CA MET A 192 -13.11 -9.06 -2.28
C MET A 192 -14.25 -10.03 -2.58
N VAL A 193 -14.39 -10.45 -3.84
CA VAL A 193 -15.49 -11.30 -4.30
C VAL A 193 -15.01 -12.75 -4.44
N HIS A 194 -13.83 -12.96 -5.03
CA HIS A 194 -13.43 -14.30 -5.44
C HIS A 194 -12.45 -14.96 -4.47
N GLU A 195 -12.66 -16.24 -4.20
CA GLU A 195 -11.66 -17.09 -3.57
C GLU A 195 -10.61 -17.38 -4.63
N THR A 196 -9.35 -17.36 -4.23
CA THR A 196 -8.25 -17.80 -5.07
C THR A 196 -7.60 -18.99 -4.38
N PRO A 197 -6.72 -19.74 -5.07
CA PRO A 197 -6.02 -20.84 -4.37
C PRO A 197 -5.22 -20.35 -3.16
N SER A 198 -4.45 -19.25 -3.28
CA SER A 198 -3.68 -18.72 -2.17
C SER A 198 -4.59 -18.34 -0.99
N LYS A 199 -5.77 -17.79 -1.29
CA LYS A 199 -6.66 -17.31 -0.23
C LYS A 199 -7.20 -18.52 0.53
N ARG A 200 -7.35 -19.64 -0.17
CA ARG A 200 -7.84 -20.86 0.45
C ARG A 200 -6.70 -21.52 1.24
N ASP A 201 -5.52 -21.62 0.62
CA ASP A 201 -4.42 -22.43 1.10
C ASP A 201 -3.62 -21.76 2.22
N PHE A 202 -3.53 -20.42 2.23
CA PHE A 202 -2.73 -19.73 3.22
C PHE A 202 -3.62 -18.91 4.15
N ALA A 203 -4.81 -19.44 4.46
CA ALA A 203 -5.86 -18.70 5.15
C ALA A 203 -5.58 -18.57 6.66
N ARG A 204 -4.72 -19.45 7.19
CA ARG A 204 -4.42 -19.46 8.61
C ARG A 204 -2.93 -19.71 8.78
N GLY A 205 -2.30 -18.95 9.69
CA GLY A 205 -0.96 -19.28 10.13
C GLY A 205 0.14 -18.41 9.54
N TYR A 206 -0.20 -17.49 8.63
CA TYR A 206 0.78 -16.66 7.93
C TYR A 206 0.51 -15.17 8.19
N LEU A 207 0.19 -14.85 9.45
CA LEU A 207 0.04 -13.49 9.96
C LEU A 207 -1.27 -12.83 9.51
N LEU A 208 -1.53 -12.75 8.20
CA LEU A 208 -2.83 -12.30 7.70
C LEU A 208 -3.73 -13.50 7.53
N GLU A 209 -4.86 -13.53 8.25
CA GLU A 209 -5.75 -14.68 8.22
C GLU A 209 -7.16 -14.37 7.68
N ALA A 210 -7.83 -15.43 7.20
CA ALA A 210 -9.17 -15.42 6.60
C ALA A 210 -10.15 -14.65 7.47
N ASP A 211 -10.18 -15.01 8.76
CA ASP A 211 -11.17 -14.50 9.69
C ASP A 211 -10.92 -13.01 9.93
N ALA A 212 -9.65 -12.60 9.93
CA ALA A 212 -9.30 -11.19 10.06
C ALA A 212 -9.80 -10.40 8.85
N MET A 213 -9.53 -10.92 7.66
CA MET A 213 -9.95 -10.28 6.43
C MET A 213 -11.47 -10.11 6.40
N GLN A 214 -12.21 -11.14 6.83
CA GLN A 214 -13.66 -11.06 6.91
C GLN A 214 -14.06 -9.90 7.81
N TRP A 215 -13.40 -9.81 8.96
CA TRP A 215 -13.73 -8.82 9.95
C TRP A 215 -13.45 -7.42 9.39
N PHE A 216 -12.30 -7.24 8.73
CA PHE A 216 -11.96 -5.97 8.12
C PHE A 216 -13.04 -5.52 7.14
N GLY A 217 -13.46 -6.42 6.24
CA GLY A 217 -14.54 -6.16 5.31
C GLY A 217 -15.83 -5.71 6.01
N GLU A 218 -16.14 -6.33 7.15
CA GLU A 218 -17.34 -6.00 7.90
C GLU A 218 -17.24 -4.57 8.45
N GLN A 219 -16.02 -4.11 8.75
CA GLN A 219 -15.84 -2.78 9.32
C GLN A 219 -15.84 -1.73 8.22
N TYR A 220 -15.30 -2.08 7.05
CA TYR A 220 -15.04 -1.10 6.00
C TYR A 220 -16.27 -0.91 5.11
N LEU A 221 -16.86 -2.03 4.68
CA LEU A 221 -17.92 -1.97 3.69
C LEU A 221 -19.24 -1.58 4.36
N ARG A 222 -20.16 -0.99 3.58
CA ARG A 222 -21.47 -0.58 4.11
C ARG A 222 -22.40 -1.79 4.18
N THR A 223 -22.41 -2.59 3.11
CA THR A 223 -23.20 -3.81 3.03
C THR A 223 -22.37 -4.85 2.27
N PRO A 224 -22.71 -6.15 2.39
CA PRO A 224 -22.00 -7.20 1.64
C PRO A 224 -21.96 -7.02 0.11
N ASP A 225 -22.90 -6.23 -0.42
CA ASP A 225 -22.98 -5.99 -1.85
C ASP A 225 -21.79 -5.16 -2.33
N ASP A 226 -21.18 -4.38 -1.44
CA ASP A 226 -20.08 -3.50 -1.78
C ASP A 226 -18.86 -4.26 -2.30
N VAL A 227 -18.75 -5.57 -2.03
CA VAL A 227 -17.62 -6.38 -2.46
C VAL A 227 -17.48 -6.37 -3.98
N SER A 228 -18.61 -6.20 -4.69
CA SER A 228 -18.61 -6.24 -6.14
CA SER A 228 -18.66 -6.22 -6.15
C SER A 228 -18.36 -4.85 -6.75
N HIS A 229 -18.33 -3.80 -5.91
CA HIS A 229 -18.09 -2.45 -6.38
C HIS A 229 -16.64 -2.31 -6.84
N PRO A 230 -16.33 -1.75 -8.03
CA PRO A 230 -14.94 -1.69 -8.50
C PRO A 230 -14.01 -0.81 -7.66
N TRP A 231 -14.57 0.07 -6.80
CA TRP A 231 -13.75 0.88 -5.91
C TRP A 231 -13.39 0.12 -4.63
N ALA A 232 -14.01 -1.04 -4.40
CA ALA A 232 -13.60 -1.99 -3.37
C ALA A 232 -12.76 -3.11 -4.00
N SER A 233 -13.18 -3.63 -5.16
CA SER A 233 -12.52 -4.75 -5.81
C SER A 233 -12.02 -4.33 -7.20
N PRO A 234 -10.91 -3.56 -7.29
CA PRO A 234 -10.43 -3.08 -8.59
C PRO A 234 -10.06 -4.17 -9.59
N ALA A 235 -9.79 -5.39 -9.10
CA ALA A 235 -9.49 -6.48 -10.00
C ALA A 235 -10.70 -6.79 -10.88
N LEU A 236 -11.91 -6.32 -10.52
CA LEU A 236 -13.11 -6.67 -11.28
C LEU A 236 -13.25 -5.81 -12.54
N SER A 237 -12.45 -4.75 -12.65
CA SER A 237 -12.64 -3.80 -13.74
C SER A 237 -12.26 -4.44 -15.07
N PRO A 238 -13.18 -4.47 -16.05
CA PRO A 238 -12.90 -5.18 -17.31
C PRO A 238 -11.91 -4.50 -18.26
N ASP A 239 -11.69 -3.19 -18.08
CA ASP A 239 -10.83 -2.44 -18.99
C ASP A 239 -9.66 -1.83 -18.23
N LEU A 240 -8.47 -2.41 -18.41
CA LEU A 240 -7.29 -1.93 -17.70
C LEU A 240 -6.36 -1.18 -18.64
N THR A 241 -6.79 -0.94 -19.91
CA THR A 241 -5.94 -0.28 -20.88
C THR A 241 -5.65 1.14 -20.40
N GLY A 242 -4.41 1.59 -20.66
CA GLY A 242 -4.05 2.97 -20.41
C GLY A 242 -3.78 3.29 -18.93
N LEU A 243 -3.81 2.29 -18.03
CA LEU A 243 -3.54 2.54 -16.62
C LEU A 243 -2.05 2.79 -16.41
N PRO A 244 -1.66 3.44 -15.30
CA PRO A 244 -0.26 3.80 -15.10
C PRO A 244 0.64 2.57 -14.95
N PRO A 245 1.90 2.68 -15.41
CA PRO A 245 2.89 1.63 -15.19
C PRO A 245 2.85 1.10 -13.76
N ALA A 246 2.94 -0.23 -13.62
CA ALA A 246 2.70 -0.88 -12.34
C ALA A 246 3.88 -1.74 -11.90
N LEU A 247 4.24 -1.58 -10.63
CA LEU A 247 5.08 -2.52 -9.90
C LEU A 247 4.17 -3.24 -8.91
N VAL A 248 4.12 -4.57 -9.05
CA VAL A 248 3.27 -5.36 -8.18
C VAL A 248 4.16 -6.37 -7.46
N ILE A 249 4.31 -6.15 -6.15
CA ILE A 249 5.12 -7.03 -5.31
C ILE A 249 4.18 -7.91 -4.49
N THR A 250 4.48 -9.21 -4.51
CA THR A 250 3.73 -10.18 -3.74
C THR A 250 4.66 -10.99 -2.84
N ALA A 251 4.04 -11.62 -1.82
CA ALA A 251 4.70 -12.60 -0.96
C ALA A 251 4.20 -14.01 -1.30
N GLU A 252 5.10 -15.01 -1.32
CA GLU A 252 4.70 -16.35 -1.75
C GLU A 252 3.62 -16.94 -0.85
N TYR A 253 3.73 -16.71 0.46
CA TYR A 253 2.86 -17.36 1.45
C TYR A 253 1.92 -16.33 2.07
N ASP A 254 1.10 -15.77 1.17
CA ASP A 254 0.18 -14.69 1.48
C ASP A 254 -1.15 -15.08 0.85
N PRO A 255 -2.27 -15.09 1.62
CA PRO A 255 -3.57 -15.35 1.00
C PRO A 255 -3.85 -14.38 -0.15
N LEU A 256 -3.33 -13.13 -0.10
CA LEU A 256 -3.62 -12.16 -1.15
C LEU A 256 -2.71 -12.34 -2.37
N ARG A 257 -1.77 -13.30 -2.32
CA ARG A 257 -0.80 -13.44 -3.40
C ARG A 257 -1.47 -13.54 -4.77
N ASP A 258 -2.41 -14.47 -4.89
CA ASP A 258 -2.90 -14.86 -6.20
C ASP A 258 -3.64 -13.72 -6.88
N GLU A 259 -4.45 -12.95 -6.13
CA GLU A 259 -5.17 -11.83 -6.73
C GLU A 259 -4.19 -10.73 -7.15
N GLY A 260 -3.11 -10.54 -6.40
CA GLY A 260 -2.08 -9.59 -6.79
C GLY A 260 -1.40 -9.99 -8.11
N GLU A 261 -0.98 -11.25 -8.21
CA GLU A 261 -0.27 -11.72 -9.39
C GLU A 261 -1.21 -11.76 -10.60
N ALA A 262 -2.48 -12.14 -10.38
CA ALA A 262 -3.44 -12.16 -11.47
C ALA A 262 -3.69 -10.76 -12.02
N TYR A 263 -3.77 -9.77 -11.11
CA TYR A 263 -3.99 -8.38 -11.53
C TYR A 263 -2.77 -7.87 -12.34
N ALA A 264 -1.56 -8.19 -11.87
CA ALA A 264 -0.35 -7.92 -12.64
C ALA A 264 -0.40 -8.56 -14.03
N GLU A 265 -0.86 -9.81 -14.15
CA GLU A 265 -0.91 -10.45 -15.46
C GLU A 265 -1.95 -9.74 -16.35
N ALA A 266 -3.07 -9.31 -15.78
CA ALA A 266 -4.10 -8.62 -16.54
C ALA A 266 -3.62 -7.24 -17.01
N LEU A 267 -2.90 -6.52 -16.15
CA LEU A 267 -2.29 -5.24 -16.53
C LEU A 267 -1.37 -5.45 -17.74
N ARG A 268 -0.43 -6.40 -17.62
CA ARG A 268 0.52 -6.70 -18.67
C ARG A 268 -0.20 -6.95 -20.01
N ALA A 269 -1.24 -7.79 -19.99
CA ALA A 269 -1.99 -8.16 -21.20
C ALA A 269 -2.85 -7.00 -21.73
N ALA A 270 -3.07 -5.96 -20.89
CA ALA A 270 -3.75 -4.74 -21.30
C ALA A 270 -2.75 -3.68 -21.78
N GLY A 271 -1.47 -4.05 -21.95
CA GLY A 271 -0.49 -3.15 -22.53
C GLY A 271 0.10 -2.18 -21.51
N VAL A 272 -0.23 -2.39 -20.23
CA VAL A 272 0.35 -1.56 -19.18
C VAL A 272 1.75 -2.06 -18.87
N PRO A 273 2.80 -1.20 -18.88
CA PRO A 273 4.14 -1.60 -18.44
C PRO A 273 4.10 -2.10 -17.00
N THR A 274 4.46 -3.37 -16.82
CA THR A 274 4.22 -4.04 -15.55
C THR A 274 5.44 -4.83 -15.13
N GLU A 275 5.84 -4.63 -13.88
CA GLU A 275 6.85 -5.45 -13.23
CA GLU A 275 6.83 -5.49 -13.25
C GLU A 275 6.18 -6.24 -12.11
N GLN A 276 6.25 -7.58 -12.18
CA GLN A 276 5.65 -8.42 -11.17
C GLN A 276 6.76 -9.18 -10.47
N ILE A 277 6.86 -9.01 -9.15
CA ILE A 277 7.91 -9.65 -8.37
C ILE A 277 7.28 -10.36 -7.17
N ARG A 278 7.45 -11.69 -7.13
CA ARG A 278 7.10 -12.47 -5.95
C ARG A 278 8.37 -12.72 -5.13
N PHE A 279 8.34 -12.30 -3.85
CA PHE A 279 9.39 -12.62 -2.90
C PHE A 279 9.09 -13.99 -2.29
N ASP A 280 9.90 -14.98 -2.70
CA ASP A 280 9.74 -16.37 -2.28
C ASP A 280 10.04 -16.52 -0.79
N GLY A 281 9.33 -17.44 -0.16
CA GLY A 281 9.44 -17.72 1.26
C GLY A 281 8.89 -16.63 2.17
N MET A 282 8.35 -15.54 1.60
CA MET A 282 7.93 -14.40 2.40
C MET A 282 6.42 -14.48 2.70
N ILE A 283 6.01 -13.65 3.66
CA ILE A 283 4.65 -13.54 4.12
C ILE A 283 4.13 -12.13 3.88
N HIS A 284 2.81 -11.99 3.97
CA HIS A 284 2.14 -10.70 3.96
C HIS A 284 2.80 -9.78 4.99
N GLY A 285 2.99 -8.51 4.63
CA GLY A 285 3.40 -7.48 5.60
C GLY A 285 4.91 -7.25 5.61
N PHE A 286 5.67 -8.03 4.82
CA PHE A 286 7.12 -8.08 5.01
C PHE A 286 7.79 -6.72 4.76
N MET A 287 7.14 -5.84 4.00
CA MET A 287 7.73 -4.53 3.69
C MET A 287 7.53 -3.51 4.82
N THR A 288 6.85 -3.87 5.91
CA THR A 288 6.88 -3.08 7.14
C THR A 288 7.48 -3.90 8.28
N MET A 289 8.30 -4.89 7.93
CA MET A 289 8.92 -5.73 8.96
C MET A 289 10.43 -5.74 8.73
N PRO A 290 11.16 -4.72 9.24
CA PRO A 290 12.59 -4.55 8.89
C PRO A 290 13.56 -5.59 9.42
N ILE A 291 13.04 -6.53 10.24
CA ILE A 291 13.77 -7.73 10.66
C ILE A 291 14.05 -8.64 9.47
N PHE A 292 13.38 -8.42 8.32
CA PHE A 292 13.63 -9.20 7.12
C PHE A 292 14.40 -8.37 6.09
N PRO A 293 15.58 -8.83 5.64
CA PRO A 293 16.34 -8.16 4.58
C PRO A 293 15.58 -7.97 3.26
N GLN A 294 14.55 -8.80 3.06
CA GLN A 294 13.73 -8.72 1.86
C GLN A 294 12.95 -7.40 1.82
N MET A 295 12.71 -6.75 2.97
CA MET A 295 12.08 -5.43 2.99
C MET A 295 12.94 -4.42 2.21
N GLU A 296 14.25 -4.39 2.48
CA GLU A 296 15.14 -3.48 1.79
C GLU A 296 15.38 -3.88 0.32
N ALA A 297 15.36 -5.19 0.05
CA ALA A 297 15.45 -5.69 -1.32
C ALA A 297 14.26 -5.21 -2.14
N ALA A 298 13.05 -5.26 -1.56
CA ALA A 298 11.86 -4.77 -2.22
C ALA A 298 11.91 -3.26 -2.42
N ILE A 299 12.47 -2.52 -1.46
CA ILE A 299 12.62 -1.07 -1.63
C ILE A 299 13.62 -0.75 -2.74
N GLU A 300 14.66 -1.56 -2.87
CA GLU A 300 15.58 -1.47 -4.00
C GLU A 300 14.83 -1.77 -5.31
N ALA A 301 13.89 -2.73 -5.30
CA ALA A 301 13.11 -3.00 -6.51
C ALA A 301 12.32 -1.76 -6.95
N VAL A 302 11.71 -1.09 -5.96
CA VAL A 302 11.02 0.17 -6.17
C VAL A 302 11.93 1.19 -6.84
N ALA A 303 13.13 1.42 -6.29
CA ALA A 303 14.05 2.41 -6.87
C ALA A 303 14.41 2.04 -8.31
N ARG A 304 14.72 0.76 -8.56
CA ARG A 304 15.11 0.33 -9.90
C ARG A 304 13.94 0.48 -10.89
N PHE A 305 12.72 0.15 -10.43
CA PHE A 305 11.53 0.35 -11.25
C PHE A 305 11.32 1.83 -11.59
N LEU A 306 11.41 2.70 -10.58
CA LEU A 306 11.16 4.12 -10.77
C LEU A 306 12.24 4.78 -11.63
N GLU A 307 13.46 4.21 -11.65
CA GLU A 307 14.51 4.66 -12.56
C GLU A 307 14.07 4.62 -14.03
N ARG A 308 13.19 3.68 -14.33
CA ARG A 308 12.77 3.43 -15.71
C ARG A 308 11.58 4.30 -16.14
N ILE A 309 10.97 5.05 -15.21
CA ILE A 309 9.75 5.80 -15.48
C ILE A 309 10.04 7.04 -16.31
N ASP A 310 11.00 7.87 -15.88
CA ASP A 310 11.18 9.20 -16.44
C ASP A 310 9.86 9.99 -16.31
#